data_6C83
#
_entry.id   6C83
#
_cell.length_a   63.047
_cell.length_b   69.916
_cell.length_c   173.718
_cell.angle_alpha   90.000
_cell.angle_beta   90.000
_cell.angle_gamma   90.000
#
_symmetry.space_group_name_H-M   'P 21 21 21'
#
loop_
_entity.id
_entity.type
_entity.pdbx_description
1 polymer 'Aurora kinase A'
2 polymer 'Mb2 Monobody'
3 non-polymer 'PHOSPHOMETHYLPHOSPHONIC ACID ADENYLATE ESTER'
#
loop_
_entity_poly.entity_id
_entity_poly.type
_entity_poly.pdbx_seq_one_letter_code
_entity_poly.pdbx_strand_id
1 'polypeptide(L)'
;SVDESKKRQWALEDFEIGRPLGKGKFGNVYLAREKQSKFILALKVLFKAQLEKAGVEHQLRREVEIQSHLRHPNILRLYG
YFHDATRVYLILEYAPLGTVYRELQKLSKFDEQRTATYITELANALSYCHSKRVIHRDIKPENLLLGSAGELKIADFGWS
VHAPSSRRTTLCGTLDYLPPEMIEGRMHDEKVDLWSLGVLCYEFLVGKPPFEANTYQETYKRISRVEFTFPDFVTEGARD
LISRLLKHNPSQRPMLREVLEHPWITANSSKPSNCQNKESASKQS
;
A,B
2 'polypeptide(L)'
;GSVSSVPTKLEVVAATPTSLLISWDAPAVTVVHYVITYGETGGNSPVQEFTVPGSKSTATISGLKPGVDYTITVYAIDFY
WGSYSPISINYRT
;
C,D
#
# COMPACT_ATOMS: atom_id res chain seq x y z
N GLN A 9 -2.75 -24.84 16.03
CA GLN A 9 -2.68 -26.01 15.17
C GLN A 9 -1.24 -26.29 14.74
N TRP A 10 -0.38 -25.27 14.86
CA TRP A 10 1.01 -25.38 14.46
C TRP A 10 1.90 -24.75 15.51
N ALA A 11 3.14 -25.20 15.56
CA ALA A 11 4.14 -24.68 16.49
C ALA A 11 5.52 -24.82 15.86
N LEU A 12 6.53 -24.30 16.56
CA LEU A 12 7.89 -24.36 16.03
C LEU A 12 8.48 -25.76 16.15
N GLU A 13 8.01 -26.55 17.11
CA GLU A 13 8.54 -27.89 17.34
C GLU A 13 8.05 -28.92 16.32
N ASP A 14 7.16 -28.53 15.40
CA ASP A 14 6.64 -29.45 14.41
C ASP A 14 7.48 -29.50 13.14
N PHE A 15 8.54 -28.70 13.05
CA PHE A 15 9.32 -28.59 11.82
C PHE A 15 10.81 -28.71 12.12
N GLU A 16 11.56 -29.06 11.08
CA GLU A 16 13.02 -29.12 11.13
C GLU A 16 13.55 -28.06 10.18
N ILE A 17 13.90 -26.90 10.72
CA ILE A 17 14.31 -25.77 9.91
C ILE A 17 15.70 -26.03 9.34
N GLY A 18 15.85 -25.79 8.03
CA GLY A 18 17.12 -26.02 7.36
C GLY A 18 17.82 -24.76 6.91
N ARG A 19 18.46 -24.83 5.74
CA ARG A 19 19.23 -23.70 5.25
C ARG A 19 18.31 -22.58 4.77
N PRO A 20 18.74 -21.33 4.89
CA PRO A 20 17.92 -20.21 4.40
C PRO A 20 17.84 -20.21 2.89
N LEU A 21 16.67 -19.78 2.38
CA LEU A 21 16.42 -19.70 0.95
C LEU A 21 16.40 -18.27 0.44
N GLY A 22 16.74 -17.30 1.28
CA GLY A 22 16.76 -15.91 0.86
C GLY A 22 16.19 -14.97 1.91
N LYS A 23 16.79 -13.79 2.04
CA LYS A 23 16.34 -12.81 3.01
C LYS A 23 15.10 -12.07 2.50
N GLY A 24 14.29 -11.60 3.45
CA GLY A 24 13.10 -10.86 3.14
C GLY A 24 13.15 -9.45 3.71
N LYS A 25 12.17 -8.64 3.32
CA LYS A 25 12.10 -7.26 3.79
C LYS A 25 11.81 -7.18 5.28
N PHE A 26 11.19 -8.20 5.87
CA PHE A 26 10.88 -8.21 7.29
C PHE A 26 11.37 -9.48 8.00
N GLY A 27 12.07 -10.36 7.31
CA GLY A 27 12.56 -11.59 7.92
C GLY A 27 13.36 -12.46 6.98
N ASN A 28 13.26 -13.77 7.14
CA ASN A 28 14.00 -14.72 6.31
C ASN A 28 13.14 -15.96 6.09
N VAL A 29 13.21 -16.51 4.89
CA VAL A 29 12.49 -17.72 4.52
C VAL A 29 13.47 -18.89 4.55
N TYR A 30 13.11 -19.96 5.25
CA TYR A 30 13.95 -21.13 5.39
C TYR A 30 13.26 -22.36 4.84
N LEU A 31 14.05 -23.40 4.60
CA LEU A 31 13.52 -24.70 4.21
C LEU A 31 13.15 -25.48 5.47
N ALA A 32 11.89 -25.88 5.57
CA ALA A 32 11.38 -26.56 6.76
C ALA A 32 10.84 -27.92 6.37
N ARG A 33 11.26 -28.94 7.13
CA ARG A 33 10.76 -30.30 6.97
C ARG A 33 9.95 -30.64 8.22
N GLU A 34 8.68 -30.99 8.03
CA GLU A 34 7.81 -31.29 9.16
C GLU A 34 8.32 -32.51 9.92
N LYS A 35 8.02 -32.55 11.22
CA LYS A 35 8.49 -33.65 12.05
C LYS A 35 7.68 -34.92 11.87
N GLN A 36 6.38 -34.80 11.60
CA GLN A 36 5.51 -35.96 11.49
C GLN A 36 5.55 -36.54 10.07
N SER A 37 4.97 -35.83 9.11
CA SER A 37 4.87 -36.34 7.74
C SER A 37 6.17 -36.18 6.95
N LYS A 38 7.16 -35.46 7.49
CA LYS A 38 8.45 -35.24 6.81
C LYS A 38 8.26 -34.58 5.44
N PHE A 39 7.26 -33.72 5.32
CA PHE A 39 7.00 -33.04 4.06
C PHE A 39 7.87 -31.79 3.94
N ILE A 40 8.48 -31.60 2.78
CA ILE A 40 9.31 -30.43 2.52
C ILE A 40 8.40 -29.23 2.30
N LEU A 41 8.54 -28.21 3.13
CA LEU A 41 7.72 -27.00 3.03
C LEU A 41 8.62 -25.78 3.18
N ALA A 42 8.08 -24.63 2.85
CA ALA A 42 8.77 -23.36 3.00
C ALA A 42 8.19 -22.62 4.20
N LEU A 43 9.08 -22.18 5.11
CA LEU A 43 8.68 -21.50 6.33
C LEU A 43 9.21 -20.07 6.29
N LYS A 44 8.30 -19.12 6.15
CA LYS A 44 8.66 -17.70 6.14
C LYS A 44 8.66 -17.19 7.57
N VAL A 45 9.84 -16.84 8.09
CA VAL A 45 10.00 -16.35 9.45
C VAL A 45 10.01 -14.83 9.37
N LEU A 46 8.85 -14.22 9.60
CA LEU A 46 8.71 -12.77 9.59
C LEU A 46 8.79 -12.25 11.01
N PHE A 47 9.58 -11.20 11.21
CA PHE A 47 9.76 -10.62 12.54
C PHE A 47 8.63 -9.65 12.86
N LYS A 48 8.08 -9.76 14.07
CA LYS A 48 6.99 -8.89 14.46
C LYS A 48 7.43 -7.44 14.53
N ALA A 49 8.61 -7.18 15.12
CA ALA A 49 9.04 -5.82 15.39
C ALA A 49 9.11 -4.98 14.12
N GLN A 50 9.45 -5.59 12.99
CA GLN A 50 9.48 -4.86 11.72
C GLN A 50 8.10 -4.82 11.05
N LEU A 51 7.25 -5.81 11.30
CA LEU A 51 5.88 -5.75 10.81
C LEU A 51 5.07 -4.69 11.54
N GLU A 52 5.36 -4.46 12.82
CA GLU A 52 4.66 -3.45 13.59
C GLU A 52 5.23 -2.06 13.41
N LYS A 53 6.52 -1.95 13.03
CA LYS A 53 7.12 -0.65 12.82
C LYS A 53 6.81 -0.09 11.44
N ALA A 54 6.65 -0.95 10.43
CA ALA A 54 6.34 -0.51 9.08
C ALA A 54 4.85 -0.41 8.81
N GLY A 55 4.01 -1.01 9.66
CA GLY A 55 2.58 -0.95 9.47
C GLY A 55 2.06 -1.84 8.35
N VAL A 56 2.60 -3.06 8.24
CA VAL A 56 2.19 -4.01 7.23
C VAL A 56 1.63 -5.29 7.83
N GLU A 57 1.41 -5.31 9.15
CA GLU A 57 0.91 -6.51 9.80
C GLU A 57 -0.51 -6.82 9.35
N HIS A 58 -1.38 -5.81 9.28
CA HIS A 58 -2.74 -6.02 8.83
C HIS A 58 -2.80 -6.33 7.34
N GLN A 59 -1.88 -5.77 6.56
CA GLN A 59 -1.86 -6.03 5.12
C GLN A 59 -1.49 -7.48 4.83
N LEU A 60 -0.46 -8.00 5.51
CA LEU A 60 -0.08 -9.39 5.32
C LEU A 60 -1.13 -10.34 5.88
N ARG A 61 -1.67 -10.03 7.07
CA ARG A 61 -2.70 -10.86 7.66
C ARG A 61 -3.95 -10.92 6.79
N ARG A 62 -4.28 -9.82 6.11
CA ARG A 62 -5.43 -9.83 5.21
C ARG A 62 -5.14 -10.67 3.97
N GLU A 63 -3.95 -10.53 3.40
CA GLU A 63 -3.60 -11.34 2.23
C GLU A 63 -3.43 -12.80 2.59
N VAL A 64 -3.08 -13.11 3.84
CA VAL A 64 -3.02 -14.50 4.28
C VAL A 64 -4.40 -15.12 4.25
N GLU A 65 -5.41 -14.37 4.68
CA GLU A 65 -6.79 -14.88 4.65
C GLU A 65 -7.25 -15.12 3.22
N ILE A 66 -6.87 -14.24 2.30
CA ILE A 66 -7.30 -14.38 0.91
C ILE A 66 -6.57 -15.53 0.24
N GLN A 67 -5.25 -15.62 0.45
CA GLN A 67 -4.46 -16.68 -0.18
C GLN A 67 -4.78 -18.06 0.36
N SER A 68 -5.29 -18.15 1.60
CA SER A 68 -5.61 -19.44 2.19
C SER A 68 -6.81 -20.12 1.56
N HIS A 69 -7.57 -19.41 0.72
CA HIS A 69 -8.76 -19.96 0.09
C HIS A 69 -8.60 -20.18 -1.40
N LEU A 70 -7.43 -19.87 -1.96
CA LEU A 70 -7.18 -20.00 -3.40
C LEU A 70 -6.26 -21.19 -3.62
N ARG A 71 -6.81 -22.30 -4.09
CA ARG A 71 -6.07 -23.52 -4.38
C ARG A 71 -6.06 -23.73 -5.89
N HIS A 72 -4.90 -23.51 -6.51
CA HIS A 72 -4.72 -23.65 -7.94
C HIS A 72 -3.29 -24.11 -8.19
N PRO A 73 -3.05 -24.98 -9.17
CA PRO A 73 -1.68 -25.46 -9.41
C PRO A 73 -0.69 -24.36 -9.74
N ASN A 74 -1.15 -23.21 -10.24
CA ASN A 74 -0.27 -22.10 -10.58
C ASN A 74 -0.25 -21.02 -9.51
N ILE A 75 -0.77 -21.30 -8.32
CA ILE A 75 -0.75 -20.36 -7.20
C ILE A 75 -0.07 -21.05 -6.02
N LEU A 76 0.94 -20.39 -5.46
CA LEU A 76 1.62 -20.92 -4.30
C LEU A 76 0.65 -21.04 -3.13
N ARG A 77 0.60 -22.22 -2.52
CA ARG A 77 -0.39 -22.53 -1.50
C ARG A 77 0.06 -22.05 -0.13
N LEU A 78 -0.91 -21.57 0.65
CA LEU A 78 -0.70 -21.17 2.05
C LEU A 78 -1.45 -22.21 2.90
N TYR A 79 -0.70 -23.15 3.47
CA TYR A 79 -1.32 -24.23 4.23
C TYR A 79 -1.71 -23.81 5.64
N GLY A 80 -0.99 -22.86 6.22
CA GLY A 80 -1.30 -22.43 7.57
C GLY A 80 -0.27 -21.44 8.07
N TYR A 81 -0.40 -21.08 9.33
CA TYR A 81 0.51 -20.12 9.95
C TYR A 81 0.50 -20.30 11.46
N PHE A 82 1.54 -19.77 12.09
CA PHE A 82 1.64 -19.73 13.55
C PHE A 82 2.62 -18.62 13.90
N HIS A 83 2.84 -18.41 15.19
CA HIS A 83 3.65 -17.28 15.63
C HIS A 83 4.22 -17.56 17.01
N ASP A 84 5.23 -16.77 17.37
CA ASP A 84 5.79 -16.77 18.71
C ASP A 84 5.59 -15.43 19.37
N ALA A 85 6.35 -15.13 20.42
CA ALA A 85 6.24 -13.87 21.13
C ALA A 85 6.84 -12.69 20.37
N THR A 86 7.62 -12.93 19.31
CA THR A 86 8.21 -11.82 18.57
C THR A 86 8.44 -12.13 17.11
N ARG A 87 7.93 -13.24 16.58
CA ARG A 87 8.05 -13.56 15.16
C ARG A 87 6.75 -14.19 14.68
N VAL A 88 6.57 -14.18 13.36
CA VAL A 88 5.41 -14.80 12.72
C VAL A 88 5.92 -15.79 11.68
N TYR A 89 5.30 -16.97 11.63
CA TYR A 89 5.71 -18.04 10.73
C TYR A 89 4.58 -18.35 9.76
N LEU A 90 4.95 -18.70 8.53
CA LEU A 90 4.00 -18.98 7.47
C LEU A 90 4.41 -20.24 6.73
N ILE A 91 3.51 -21.21 6.65
CA ILE A 91 3.79 -22.48 6.00
C ILE A 91 3.46 -22.33 4.52
N LEU A 92 4.48 -22.16 3.69
CA LEU A 92 4.32 -21.96 2.26
C LEU A 92 4.74 -23.20 1.49
N GLU A 93 4.21 -23.33 0.28
CA GLU A 93 4.62 -24.40 -0.61
C GLU A 93 6.05 -24.15 -1.10
N TYR A 94 6.84 -25.21 -1.15
CA TYR A 94 8.24 -25.08 -1.55
C TYR A 94 8.34 -24.88 -3.06
N ALA A 95 9.07 -23.83 -3.46
CA ALA A 95 9.36 -23.55 -4.86
C ALA A 95 10.85 -23.71 -5.11
N PRO A 96 11.28 -24.81 -5.72
CA PRO A 96 12.74 -25.07 -5.78
C PRO A 96 13.49 -24.13 -6.69
N LEU A 97 12.96 -23.81 -7.87
CA LEU A 97 13.70 -23.07 -8.88
C LEU A 97 13.65 -21.55 -8.68
N GLY A 98 13.41 -21.08 -7.47
CA GLY A 98 13.53 -19.66 -7.20
C GLY A 98 12.40 -18.82 -7.79
N THR A 99 12.72 -17.56 -8.09
CA THR A 99 11.77 -16.59 -8.59
C THR A 99 12.03 -16.29 -10.07
N VAL A 100 10.97 -15.83 -10.74
CA VAL A 100 11.10 -15.45 -12.14
C VAL A 100 11.95 -14.20 -12.29
N TYR A 101 11.87 -13.28 -11.33
CA TYR A 101 12.67 -12.07 -11.39
C TYR A 101 14.16 -12.38 -11.44
N ARG A 102 14.60 -13.40 -10.70
CA ARG A 102 16.01 -13.78 -10.72
C ARG A 102 16.39 -14.38 -12.07
N GLU A 103 15.53 -15.23 -12.64
CA GLU A 103 15.85 -15.81 -13.93
C GLU A 103 15.59 -14.82 -15.07
N LEU A 104 14.70 -13.85 -14.87
CA LEU A 104 14.60 -12.75 -15.83
C LEU A 104 15.84 -11.86 -15.80
N GLN A 105 16.57 -11.85 -14.69
CA GLN A 105 17.82 -11.10 -14.60
C GLN A 105 19.03 -11.95 -14.93
N LYS A 106 18.97 -13.26 -14.68
CA LYS A 106 20.05 -14.15 -15.10
C LYS A 106 20.22 -14.11 -16.61
N LEU A 107 19.11 -14.14 -17.35
CA LEU A 107 19.10 -13.89 -18.77
C LEU A 107 18.69 -12.44 -19.01
N SER A 108 18.38 -12.10 -20.25
CA SER A 108 17.86 -10.78 -20.60
C SER A 108 16.39 -10.84 -20.98
N LYS A 109 16.02 -11.75 -21.87
CA LYS A 109 14.63 -11.95 -22.27
C LYS A 109 14.35 -13.45 -22.31
N PHE A 110 13.09 -13.79 -22.48
CA PHE A 110 12.64 -15.18 -22.51
C PHE A 110 12.33 -15.60 -23.94
N ASP A 111 11.96 -16.87 -24.09
CA ASP A 111 11.58 -17.42 -25.38
C ASP A 111 10.25 -16.83 -25.83
N GLU A 112 9.79 -17.28 -27.00
CA GLU A 112 8.41 -17.06 -27.40
C GLU A 112 7.49 -18.14 -26.86
N GLN A 113 7.99 -19.38 -26.80
CA GLN A 113 7.23 -20.48 -26.20
C GLN A 113 7.29 -20.46 -24.68
N ARG A 114 8.34 -19.87 -24.09
CA ARG A 114 8.41 -19.72 -22.64
C ARG A 114 7.51 -18.59 -22.16
N THR A 115 7.44 -17.50 -22.93
CA THR A 115 6.55 -16.40 -22.58
C THR A 115 5.09 -16.80 -22.74
N ALA A 116 4.75 -17.47 -23.85
CA ALA A 116 3.37 -17.88 -24.08
C ALA A 116 2.93 -18.92 -23.07
N THR A 117 3.82 -19.84 -22.70
CA THR A 117 3.47 -20.82 -21.67
C THR A 117 3.27 -20.15 -20.32
N TYR A 118 4.09 -19.15 -20.01
CA TYR A 118 3.92 -18.41 -18.76
C TYR A 118 2.62 -17.61 -18.78
N ILE A 119 2.30 -16.98 -19.92
CA ILE A 119 1.06 -16.24 -20.04
C ILE A 119 -0.14 -17.19 -19.93
N THR A 120 -0.04 -18.36 -20.56
CA THR A 120 -1.10 -19.34 -20.46
C THR A 120 -1.28 -19.83 -19.03
N GLU A 121 -0.17 -20.04 -18.32
CA GLU A 121 -0.26 -20.44 -16.91
C GLU A 121 -0.86 -19.32 -16.06
N LEU A 122 -0.50 -18.07 -16.34
CA LEU A 122 -1.04 -16.95 -15.59
C LEU A 122 -2.51 -16.73 -15.91
N ALA A 123 -2.88 -16.84 -17.19
CA ALA A 123 -4.28 -16.64 -17.57
C ALA A 123 -5.18 -17.71 -16.96
N ASN A 124 -4.65 -18.91 -16.72
CA ASN A 124 -5.42 -19.96 -16.07
C ASN A 124 -5.63 -19.66 -14.59
N ALA A 125 -4.60 -19.13 -13.93
CA ALA A 125 -4.72 -18.80 -12.51
C ALA A 125 -5.66 -17.63 -12.29
N LEU A 126 -5.57 -16.60 -13.14
CA LEU A 126 -6.47 -15.46 -13.01
C LEU A 126 -7.89 -15.79 -13.44
N SER A 127 -8.07 -16.82 -14.28
CA SER A 127 -9.42 -17.31 -14.56
C SER A 127 -10.01 -17.97 -13.33
N TYR A 128 -9.18 -18.66 -12.55
CA TYR A 128 -9.65 -19.24 -11.29
C TYR A 128 -9.94 -18.16 -10.25
N CYS A 129 -9.17 -17.07 -10.27
CA CYS A 129 -9.42 -15.98 -9.32
C CYS A 129 -10.66 -15.18 -9.70
N HIS A 130 -10.83 -14.92 -11.00
CA HIS A 130 -11.99 -14.15 -11.44
C HIS A 130 -13.29 -14.94 -11.27
N SER A 131 -13.21 -16.27 -11.28
CA SER A 131 -14.41 -17.08 -11.04
C SER A 131 -14.92 -16.89 -9.62
N LYS A 132 -14.02 -16.69 -8.66
CA LYS A 132 -14.40 -16.37 -7.28
C LYS A 132 -14.51 -14.88 -7.03
N ARG A 133 -14.63 -14.09 -8.10
CA ARG A 133 -14.73 -12.63 -8.06
C ARG A 133 -13.51 -11.96 -7.44
N VAL A 134 -12.41 -12.70 -7.28
CA VAL A 134 -11.19 -12.17 -6.70
C VAL A 134 -10.34 -11.57 -7.82
N ILE A 135 -10.09 -10.27 -7.74
CA ILE A 135 -9.39 -9.53 -8.79
C ILE A 135 -8.11 -8.93 -8.22
N HIS A 136 -7.27 -8.44 -9.12
CA HIS A 136 -6.06 -7.70 -8.79
C HIS A 136 -5.11 -8.50 -7.91
N ARG A 137 -4.25 -9.32 -8.51
CA ARG A 137 -3.23 -10.07 -7.80
C ARG A 137 -1.86 -9.63 -8.30
N ASP A 138 -0.95 -9.37 -7.36
CA ASP A 138 0.40 -8.94 -7.70
C ASP A 138 1.13 -10.07 -8.43
N ILE A 139 1.13 -10.01 -9.76
CA ILE A 139 1.73 -11.04 -10.59
C ILE A 139 3.05 -10.56 -11.21
N LYS A 140 3.71 -9.58 -10.58
CA LYS A 140 5.00 -9.12 -11.05
C LYS A 140 6.03 -10.24 -10.96
N PRO A 141 7.11 -10.17 -11.74
CA PRO A 141 8.09 -11.28 -11.75
C PRO A 141 8.69 -11.57 -10.38
N GLU A 142 8.77 -10.58 -9.49
CA GLU A 142 9.28 -10.84 -8.16
C GLU A 142 8.33 -11.71 -7.35
N ASN A 143 7.03 -11.67 -7.66
CA ASN A 143 6.02 -12.45 -6.98
C ASN A 143 5.67 -13.74 -7.71
N LEU A 144 6.50 -14.14 -8.67
CA LEU A 144 6.28 -15.34 -9.47
C LEU A 144 7.36 -16.36 -9.15
N LEU A 145 6.97 -17.49 -8.57
CA LEU A 145 7.89 -18.56 -8.22
C LEU A 145 7.81 -19.68 -9.25
N LEU A 146 8.84 -20.52 -9.27
CA LEU A 146 8.93 -21.64 -10.19
C LEU A 146 8.77 -22.95 -9.41
N GLY A 147 7.93 -23.83 -9.92
CA GLY A 147 7.73 -25.14 -9.32
C GLY A 147 8.82 -26.11 -9.69
N SER A 148 8.50 -27.40 -9.55
CA SER A 148 9.46 -28.44 -9.89
C SER A 148 9.62 -28.57 -11.40
N ALA A 149 8.51 -28.55 -12.14
CA ALA A 149 8.52 -28.68 -13.59
C ALA A 149 8.48 -27.34 -14.30
N GLY A 150 9.09 -26.31 -13.71
CA GLY A 150 9.11 -25.00 -14.33
C GLY A 150 7.77 -24.30 -14.39
N GLU A 151 6.80 -24.77 -13.63
CA GLU A 151 5.47 -24.16 -13.63
C GLU A 151 5.48 -22.86 -12.85
N LEU A 152 4.69 -21.90 -13.32
CA LEU A 152 4.59 -20.61 -12.63
C LEU A 152 3.78 -20.77 -11.35
N LYS A 153 4.29 -20.19 -10.26
CA LYS A 153 3.62 -20.23 -8.97
C LYS A 153 3.46 -18.80 -8.47
N ILE A 154 2.21 -18.36 -8.32
CA ILE A 154 1.92 -17.00 -7.88
C ILE A 154 2.01 -16.95 -6.35
N ALA A 155 2.92 -16.13 -5.84
CA ALA A 155 3.09 -15.93 -4.41
C ALA A 155 2.75 -14.49 -4.06
N ASP A 156 2.18 -14.30 -2.87
CA ASP A 156 1.79 -12.98 -2.38
C ASP A 156 2.23 -12.80 -0.95
N PHE A 157 2.22 -11.55 -0.50
CA PHE A 157 2.61 -11.22 0.87
C PHE A 157 1.98 -9.90 1.31
N GLY A 173 8.30 1.76 -8.17
CA GLY A 173 8.57 0.33 -8.19
C GLY A 173 7.44 -0.49 -8.77
N THR A 174 6.39 -0.68 -7.99
CA THR A 174 5.22 -1.45 -8.41
C THR A 174 4.26 -0.65 -9.25
N LEU A 175 4.60 0.58 -9.61
CA LEU A 175 3.74 1.42 -10.44
C LEU A 175 3.75 1.00 -11.91
N ASP A 176 4.81 0.33 -12.36
CA ASP A 176 4.94 -0.01 -13.78
C ASP A 176 3.93 -1.05 -14.23
N TYR A 177 3.28 -1.76 -13.30
CA TYR A 177 2.31 -2.79 -13.65
C TYR A 177 0.88 -2.34 -13.38
N LEU A 178 0.65 -1.06 -13.13
CA LEU A 178 -0.72 -0.68 -12.81
C LEU A 178 -1.42 -0.08 -14.03
N PRO A 179 -2.70 -0.36 -14.19
CA PRO A 179 -3.45 0.19 -15.32
C PRO A 179 -3.72 1.68 -15.12
N PRO A 180 -4.11 2.39 -16.18
CA PRO A 180 -4.37 3.83 -16.02
C PRO A 180 -5.48 4.16 -15.04
N GLU A 181 -6.51 3.30 -14.95
CA GLU A 181 -7.61 3.57 -14.03
C GLU A 181 -7.22 3.44 -12.56
N MET A 182 -6.05 2.84 -12.28
CA MET A 182 -5.57 2.73 -10.90
C MET A 182 -4.57 3.82 -10.54
N ILE A 183 -3.70 4.21 -11.46
CA ILE A 183 -2.76 5.29 -11.18
C ILE A 183 -3.48 6.64 -11.11
N GLU A 184 -4.61 6.76 -11.81
CA GLU A 184 -5.39 7.99 -11.75
C GLU A 184 -6.30 8.06 -10.53
N GLY A 185 -6.53 6.93 -9.86
CA GLY A 185 -7.36 6.90 -8.68
C GLY A 185 -8.84 6.83 -8.98
N ARG A 186 -9.24 5.82 -9.74
CA ARG A 186 -10.64 5.60 -10.11
C ARG A 186 -11.03 4.17 -9.80
N MET A 187 -12.32 3.89 -9.91
CA MET A 187 -12.83 2.53 -9.71
C MET A 187 -12.31 1.62 -10.82
N HIS A 188 -12.25 0.33 -10.51
CA HIS A 188 -11.68 -0.63 -11.44
C HIS A 188 -12.35 -1.99 -11.24
N ASP A 189 -12.30 -2.80 -12.30
CA ASP A 189 -12.90 -4.14 -12.27
C ASP A 189 -11.83 -5.20 -12.52
N GLU A 190 -12.25 -6.35 -13.05
CA GLU A 190 -11.31 -7.44 -13.31
C GLU A 190 -10.41 -7.17 -14.52
N LYS A 191 -10.68 -6.12 -15.28
CA LYS A 191 -9.86 -5.80 -16.45
C LYS A 191 -8.46 -5.32 -16.07
N VAL A 192 -8.21 -5.04 -14.80
CA VAL A 192 -6.88 -4.59 -14.39
C VAL A 192 -5.88 -5.74 -14.50
N ASP A 193 -6.31 -6.97 -14.29
CA ASP A 193 -5.41 -8.11 -14.44
C ASP A 193 -5.12 -8.41 -15.89
N LEU A 194 -6.05 -8.04 -16.79
CA LEU A 194 -5.77 -8.12 -18.22
C LEU A 194 -4.69 -7.12 -18.63
N TRP A 195 -4.64 -5.97 -17.95
CA TRP A 195 -3.60 -4.99 -18.22
C TRP A 195 -2.24 -5.51 -17.73
N SER A 196 -2.19 -6.04 -16.51
CA SER A 196 -0.94 -6.56 -15.97
C SER A 196 -0.44 -7.76 -16.77
N LEU A 197 -1.37 -8.52 -17.36
CA LEU A 197 -0.97 -9.66 -18.18
C LEU A 197 -0.20 -9.20 -19.42
N GLY A 198 -0.61 -8.09 -20.02
CA GLY A 198 0.11 -7.57 -21.17
C GLY A 198 1.43 -6.93 -20.81
N VAL A 199 1.52 -6.34 -19.61
CA VAL A 199 2.78 -5.75 -19.16
C VAL A 199 3.83 -6.84 -18.95
N LEU A 200 3.43 -7.97 -18.37
CA LEU A 200 4.37 -9.06 -18.15
C LEU A 200 4.79 -9.70 -19.47
N CYS A 201 3.85 -9.84 -20.40
CA CYS A 201 4.19 -10.41 -21.70
C CYS A 201 5.23 -9.56 -22.43
N TYR A 202 5.13 -8.24 -22.29
CA TYR A 202 6.13 -7.36 -22.87
C TYR A 202 7.47 -7.50 -22.14
N GLU A 203 7.43 -7.51 -20.81
CA GLU A 203 8.66 -7.63 -20.04
C GLU A 203 9.34 -8.98 -20.23
N PHE A 204 8.55 -10.03 -20.50
CA PHE A 204 9.13 -11.34 -20.73
C PHE A 204 9.90 -11.38 -22.05
N LEU A 205 9.41 -10.67 -23.07
CA LEU A 205 10.04 -10.67 -24.38
C LEU A 205 11.09 -9.59 -24.54
N VAL A 206 10.96 -8.48 -23.81
CA VAL A 206 11.88 -7.34 -23.94
C VAL A 206 12.90 -7.34 -22.81
N GLY A 207 12.44 -7.48 -21.57
CA GLY A 207 13.31 -7.41 -20.41
C GLY A 207 13.02 -6.25 -19.48
N LYS A 208 12.02 -5.43 -19.77
CA LYS A 208 11.66 -4.28 -18.94
C LYS A 208 10.20 -3.95 -19.18
N PRO A 209 9.53 -3.32 -18.22
CA PRO A 209 8.13 -2.95 -18.42
C PRO A 209 7.99 -1.95 -19.54
N PRO A 210 6.88 -1.99 -20.28
CA PRO A 210 6.73 -1.10 -21.45
C PRO A 210 6.57 0.37 -21.10
N PHE A 211 6.35 0.71 -19.83
CA PHE A 211 6.14 2.10 -19.42
C PHE A 211 7.17 2.53 -18.39
N GLU A 212 8.39 1.98 -18.47
CA GLU A 212 9.44 2.34 -17.52
C GLU A 212 9.97 3.73 -17.83
N ALA A 213 10.11 4.55 -16.79
CA ALA A 213 10.62 5.91 -16.93
C ALA A 213 11.52 6.21 -15.74
N ASN A 214 12.11 7.41 -15.75
CA ASN A 214 13.05 7.84 -14.72
C ASN A 214 12.41 8.72 -13.66
N THR A 215 11.10 8.92 -13.71
CA THR A 215 10.41 9.76 -12.74
C THR A 215 8.99 9.26 -12.58
N TYR A 216 8.29 9.80 -11.57
CA TYR A 216 6.89 9.43 -11.35
C TYR A 216 5.99 10.05 -12.40
N GLN A 217 6.17 11.34 -12.67
CA GLN A 217 5.33 12.01 -13.67
C GLN A 217 5.56 11.44 -15.05
N GLU A 218 6.81 11.09 -15.37
CA GLU A 218 7.09 10.48 -16.68
C GLU A 218 6.48 9.09 -16.77
N THR A 219 6.46 8.34 -15.67
CA THR A 219 5.79 7.05 -15.66
C THR A 219 4.28 7.22 -15.66
N TYR A 220 3.78 8.23 -14.94
CA TYR A 220 2.34 8.50 -14.91
C TYR A 220 1.84 8.92 -16.29
N LYS A 221 2.66 9.67 -17.03
CA LYS A 221 2.25 10.09 -18.37
C LYS A 221 2.32 8.95 -19.37
N ARG A 222 3.29 8.04 -19.20
CA ARG A 222 3.42 6.94 -20.14
C ARG A 222 2.29 5.93 -19.98
N ILE A 223 1.86 5.67 -18.75
CA ILE A 223 0.80 4.70 -18.51
C ILE A 223 -0.56 5.28 -18.90
N SER A 224 -0.83 6.52 -18.49
CA SER A 224 -2.13 7.12 -18.74
C SER A 224 -2.38 7.31 -20.24
N ARG A 225 -1.35 7.69 -20.98
CA ARG A 225 -1.45 7.88 -22.42
C ARG A 225 -1.10 6.63 -23.22
N VAL A 226 -0.73 5.54 -22.54
CA VAL A 226 -0.35 4.27 -23.18
C VAL A 226 0.74 4.53 -24.21
N GLU A 227 1.91 4.96 -23.75
CA GLU A 227 3.04 5.28 -24.61
C GLU A 227 4.09 4.18 -24.46
N PHE A 228 4.13 3.27 -25.43
CA PHE A 228 5.11 2.20 -25.43
C PHE A 228 5.43 1.81 -26.87
N THR A 229 6.62 1.26 -27.06
CA THR A 229 7.10 0.87 -28.38
C THR A 229 7.63 -0.55 -28.34
N PHE A 230 7.50 -1.25 -29.47
CA PHE A 230 8.00 -2.61 -29.61
C PHE A 230 9.36 -2.59 -30.28
N PRO A 231 10.35 -3.31 -29.76
CA PRO A 231 11.64 -3.41 -30.46
C PRO A 231 11.51 -4.13 -31.79
N ASP A 232 12.63 -4.23 -32.53
CA ASP A 232 12.60 -4.82 -33.87
C ASP A 232 12.43 -6.33 -33.88
N PHE A 233 12.66 -7.00 -32.74
CA PHE A 233 12.61 -8.45 -32.68
C PHE A 233 11.29 -8.98 -32.13
N VAL A 234 10.26 -8.15 -32.05
CA VAL A 234 8.97 -8.56 -31.51
C VAL A 234 8.11 -9.10 -32.65
N THR A 235 7.65 -10.35 -32.51
CA THR A 235 6.80 -10.97 -33.51
C THR A 235 5.49 -10.22 -33.65
N GLU A 236 4.95 -10.20 -34.87
CA GLU A 236 3.64 -9.58 -35.10
C GLU A 236 2.57 -10.22 -34.25
N GLY A 237 2.61 -11.55 -34.09
CA GLY A 237 1.65 -12.22 -33.24
C GLY A 237 1.81 -11.87 -31.77
N ALA A 238 3.02 -11.52 -31.35
CA ALA A 238 3.25 -11.12 -29.96
C ALA A 238 2.79 -9.70 -29.71
N ARG A 239 3.13 -8.77 -30.62
CA ARG A 239 2.71 -7.39 -30.45
C ARG A 239 1.21 -7.20 -30.65
N ASP A 240 0.56 -8.11 -31.36
CA ASP A 240 -0.90 -8.02 -31.52
C ASP A 240 -1.61 -8.32 -30.20
N LEU A 241 -1.11 -9.31 -29.45
CA LEU A 241 -1.71 -9.63 -28.16
C LEU A 241 -1.44 -8.54 -27.13
N ILE A 242 -0.20 -8.03 -27.11
CA ILE A 242 0.15 -6.98 -26.16
C ILE A 242 -0.64 -5.70 -26.45
N SER A 243 -0.83 -5.39 -27.73
CA SER A 243 -1.59 -4.19 -28.08
C SER A 243 -3.05 -4.31 -27.69
N ARG A 244 -3.61 -5.52 -27.75
CA ARG A 244 -5.01 -5.71 -27.36
C ARG A 244 -5.18 -5.63 -25.85
N LEU A 245 -4.18 -6.10 -25.09
CA LEU A 245 -4.27 -6.08 -23.64
C LEU A 245 -3.96 -4.70 -23.06
N LEU A 246 -3.04 -3.96 -23.68
CA LEU A 246 -2.63 -2.65 -23.18
C LEU A 246 -3.47 -1.57 -23.85
N LYS A 247 -4.69 -1.41 -23.35
CA LYS A 247 -5.61 -0.38 -23.83
C LYS A 247 -6.11 0.43 -22.64
N HIS A 248 -6.21 1.75 -22.84
CA HIS A 248 -6.63 2.63 -21.76
C HIS A 248 -8.04 2.31 -21.30
N ASN A 249 -8.97 2.17 -22.23
CA ASN A 249 -10.34 1.80 -21.89
C ASN A 249 -10.37 0.35 -21.44
N PRO A 250 -10.75 0.07 -20.18
CA PRO A 250 -10.75 -1.33 -19.73
C PRO A 250 -11.78 -2.20 -20.44
N SER A 251 -12.90 -1.62 -20.88
CA SER A 251 -13.92 -2.41 -21.57
C SER A 251 -13.41 -2.95 -22.90
N GLN A 252 -12.41 -2.32 -23.50
CA GLN A 252 -11.84 -2.79 -24.74
C GLN A 252 -10.80 -3.89 -24.54
N ARG A 253 -10.44 -4.20 -23.29
CA ARG A 253 -9.50 -5.27 -23.04
C ARG A 253 -10.16 -6.62 -23.31
N PRO A 254 -9.42 -7.59 -23.83
CA PRO A 254 -10.04 -8.87 -24.19
C PRO A 254 -10.40 -9.68 -22.95
N MET A 255 -11.14 -10.77 -23.19
CA MET A 255 -11.46 -11.70 -22.13
C MET A 255 -10.29 -12.66 -21.92
N LEU A 256 -10.25 -13.26 -20.72
CA LEU A 256 -9.19 -14.21 -20.41
C LEU A 256 -9.24 -15.42 -21.31
N ARG A 257 -10.44 -15.83 -21.74
CA ARG A 257 -10.54 -16.95 -22.67
C ARG A 257 -10.10 -16.55 -24.08
N GLU A 258 -10.21 -15.26 -24.42
CA GLU A 258 -9.70 -14.78 -25.70
C GLU A 258 -8.17 -14.79 -25.72
N VAL A 259 -7.54 -14.57 -24.56
CA VAL A 259 -6.08 -14.64 -24.49
C VAL A 259 -5.61 -16.08 -24.65
N LEU A 260 -6.32 -17.03 -24.05
CA LEU A 260 -5.95 -18.44 -24.19
C LEU A 260 -6.22 -18.94 -25.60
N GLU A 261 -7.23 -18.40 -26.28
CA GLU A 261 -7.55 -18.77 -27.65
C GLU A 261 -6.83 -17.90 -28.68
N HIS A 262 -5.81 -17.16 -28.27
CA HIS A 262 -5.07 -16.33 -29.21
C HIS A 262 -4.21 -17.21 -30.11
N PRO A 263 -4.07 -16.85 -31.39
CA PRO A 263 -3.22 -17.66 -32.29
C PRO A 263 -1.77 -17.73 -31.83
N TRP A 264 -1.20 -16.62 -31.35
CA TRP A 264 0.18 -16.64 -30.87
C TRP A 264 0.31 -17.45 -29.59
N ILE A 265 -0.71 -17.44 -28.74
CA ILE A 265 -0.64 -18.21 -27.49
C ILE A 265 -0.76 -19.71 -27.79
N THR A 266 -1.75 -20.09 -28.60
CA THR A 266 -1.97 -21.50 -28.89
C THR A 266 -0.87 -22.11 -29.74
N ALA A 267 -0.04 -21.29 -30.38
CA ALA A 267 1.04 -21.80 -31.21
C ALA A 267 2.36 -21.95 -30.47
N ASN A 268 2.45 -21.47 -29.23
CA ASN A 268 3.69 -21.53 -28.46
C ASN A 268 3.50 -22.03 -27.03
N SER A 269 2.27 -22.24 -26.58
CA SER A 269 2.04 -22.67 -25.21
C SER A 269 2.24 -24.19 -25.09
N SER A 270 2.04 -24.69 -23.88
CA SER A 270 2.17 -26.12 -23.60
C SER A 270 1.14 -26.52 -22.55
N LYS A 271 -0.10 -26.08 -22.72
CA LYS A 271 -1.18 -26.39 -21.79
C LYS A 271 -2.04 -27.53 -22.30
N GLN B 9 6.65 26.80 -5.35
CA GLN B 9 7.89 26.17 -4.89
C GLN B 9 8.13 26.47 -3.41
N TRP B 10 7.43 25.73 -2.55
CA TRP B 10 7.55 25.94 -1.11
C TRP B 10 8.83 25.28 -0.59
N ALA B 11 9.23 25.70 0.61
CA ALA B 11 10.40 25.15 1.28
C ALA B 11 10.18 25.25 2.78
N LEU B 12 11.13 24.69 3.54
CA LEU B 12 11.00 24.70 5.00
C LEU B 12 11.19 26.10 5.57
N GLU B 13 11.99 26.94 4.90
CA GLU B 13 12.28 28.27 5.43
C GLU B 13 11.10 29.22 5.30
N ASP B 14 10.09 28.87 4.51
CA ASP B 14 8.94 29.73 4.29
C ASP B 14 7.86 29.57 5.36
N PHE B 15 8.08 28.70 6.35
CA PHE B 15 7.08 28.42 7.37
C PHE B 15 7.65 28.66 8.75
N GLU B 16 6.79 29.12 9.66
CA GLU B 16 7.14 29.28 11.07
C GLU B 16 6.41 28.20 11.86
N ILE B 17 7.18 27.28 12.45
CA ILE B 17 6.59 26.12 13.11
C ILE B 17 5.88 26.53 14.39
N GLY B 18 4.95 25.69 14.83
CA GLY B 18 4.29 25.88 16.11
C GLY B 18 4.24 24.61 16.94
N ARG B 19 3.24 24.48 17.81
CA ARG B 19 3.18 23.31 18.68
C ARG B 19 2.83 22.06 17.86
N PRO B 20 3.40 20.90 18.22
CA PRO B 20 3.05 19.65 17.52
C PRO B 20 1.61 19.26 17.81
N LEU B 21 0.80 19.14 16.75
CA LEU B 21 -0.58 18.72 16.91
C LEU B 21 -0.73 17.21 17.06
N GLY B 22 0.25 16.45 16.60
CA GLY B 22 0.22 15.00 16.72
C GLY B 22 1.56 14.40 16.42
N LYS B 23 1.71 13.14 16.81
CA LYS B 23 2.98 12.43 16.59
C LYS B 23 2.67 10.93 16.62
N GLY B 24 2.56 10.33 15.43
CA GLY B 24 2.29 8.91 15.29
C GLY B 24 3.55 8.12 15.03
N LYS B 25 3.43 7.11 14.18
CA LYS B 25 4.55 6.25 13.81
C LYS B 25 5.15 6.61 12.46
N PHE B 26 4.31 6.77 11.43
CA PHE B 26 4.80 7.12 10.10
C PHE B 26 5.21 8.59 10.00
N GLY B 27 4.79 9.44 10.93
CA GLY B 27 5.15 10.84 10.88
C GLY B 27 4.53 11.68 11.98
N ASN B 28 4.37 12.97 11.72
CA ASN B 28 3.84 13.91 12.70
C ASN B 28 3.39 15.17 11.96
N VAL B 29 2.86 16.12 12.71
CA VAL B 29 2.35 17.36 12.12
C VAL B 29 2.34 18.43 13.21
N TYR B 30 2.75 19.64 12.83
CA TYR B 30 2.79 20.78 13.72
C TYR B 30 1.94 21.92 13.17
N LEU B 31 1.60 22.85 14.05
CA LEU B 31 1.03 24.12 13.59
C LEU B 31 2.11 24.89 12.84
N ALA B 32 1.74 25.44 11.68
CA ALA B 32 2.68 26.18 10.85
C ALA B 32 2.06 27.51 10.43
N ARG B 33 2.91 28.49 10.21
CA ARG B 33 2.50 29.79 9.73
C ARG B 33 3.50 30.27 8.69
N GLU B 34 3.00 30.64 7.51
CA GLU B 34 3.87 31.17 6.47
C GLU B 34 4.43 32.53 6.92
N LYS B 35 5.75 32.65 6.89
CA LYS B 35 6.40 33.82 7.48
C LYS B 35 6.00 35.11 6.77
N GLN B 36 5.75 35.05 5.47
CA GLN B 36 5.45 36.27 4.72
C GLN B 36 4.06 36.80 5.05
N SER B 37 3.07 35.91 5.17
CA SER B 37 1.68 36.30 5.34
C SER B 37 1.12 36.00 6.72
N LYS B 38 1.84 35.26 7.56
CA LYS B 38 1.38 34.89 8.91
C LYS B 38 0.07 34.12 8.87
N PHE B 39 -0.16 33.37 7.79
CA PHE B 39 -1.37 32.58 7.66
C PHE B 39 -1.21 31.24 8.37
N ILE B 40 -2.18 30.89 9.22
CA ILE B 40 -2.10 29.67 9.99
C ILE B 40 -2.31 28.47 9.08
N LEU B 41 -1.40 27.50 9.15
CA LEU B 41 -1.46 26.29 8.35
C LEU B 41 -1.05 25.11 9.21
N ALA B 42 -1.01 23.93 8.59
CA ALA B 42 -0.56 22.70 9.25
C ALA B 42 0.46 22.02 8.35
N LEU B 43 1.56 21.57 8.93
CA LEU B 43 2.66 20.96 8.20
C LEU B 43 2.80 19.50 8.65
N LYS B 44 2.31 18.57 7.83
CA LYS B 44 2.43 17.15 8.11
C LYS B 44 3.74 16.62 7.55
N VAL B 45 4.52 15.96 8.40
CA VAL B 45 5.83 15.44 8.03
C VAL B 45 5.75 13.93 7.95
N LEU B 46 6.30 13.36 6.87
CA LEU B 46 6.36 11.92 6.69
C LEU B 46 7.78 11.53 6.31
N PHE B 47 8.23 10.37 6.82
CA PHE B 47 9.58 9.90 6.57
C PHE B 47 9.60 9.02 5.33
N LYS B 48 10.53 9.31 4.42
CA LYS B 48 10.65 8.53 3.20
C LYS B 48 11.04 7.09 3.50
N ALA B 49 11.86 6.88 4.54
CA ALA B 49 12.28 5.52 4.88
C ALA B 49 11.10 4.66 5.32
N GLN B 50 10.19 5.22 6.12
CA GLN B 50 9.04 4.46 6.59
C GLN B 50 8.07 4.19 5.46
N LEU B 51 7.81 5.18 4.61
CA LEU B 51 6.88 4.99 3.49
C LEU B 51 7.47 4.08 2.41
N GLU B 52 8.79 3.92 2.37
CA GLU B 52 9.40 3.02 1.40
C GLU B 52 9.34 1.57 1.85
N LYS B 53 9.42 1.33 3.16
CA LYS B 53 9.38 -0.03 3.67
C LYS B 53 7.99 -0.65 3.59
N ALA B 54 6.94 0.18 3.57
CA ALA B 54 5.57 -0.30 3.52
C ALA B 54 4.92 -0.12 2.15
N GLY B 55 5.63 0.47 1.19
CA GLY B 55 5.06 0.68 -0.12
C GLY B 55 3.99 1.75 -0.18
N VAL B 56 4.02 2.71 0.74
CA VAL B 56 3.03 3.78 0.75
C VAL B 56 3.47 4.99 -0.05
N GLU B 57 4.77 5.14 -0.34
CA GLU B 57 5.24 6.23 -1.18
C GLU B 57 4.52 6.26 -2.52
N HIS B 58 4.13 5.09 -3.02
CA HIS B 58 3.35 5.04 -4.26
C HIS B 58 1.99 5.70 -4.08
N GLN B 59 1.23 5.27 -3.07
CA GLN B 59 -0.12 5.78 -2.87
C GLN B 59 -0.13 7.17 -2.22
N LEU B 60 0.93 7.54 -1.50
CA LEU B 60 0.99 8.89 -0.94
C LEU B 60 1.15 9.93 -2.04
N ARG B 61 2.06 9.68 -2.99
CA ARG B 61 2.21 10.58 -4.12
C ARG B 61 0.97 10.59 -5.01
N ARG B 62 0.28 9.45 -5.10
CA ARG B 62 -0.94 9.38 -5.89
C ARG B 62 -2.05 10.22 -5.27
N GLU B 63 -2.21 10.15 -3.95
CA GLU B 63 -3.27 10.90 -3.28
C GLU B 63 -2.95 12.40 -3.25
N VAL B 64 -1.67 12.76 -3.28
CA VAL B 64 -1.30 14.17 -3.30
C VAL B 64 -1.80 14.84 -4.58
N GLU B 65 -1.67 14.16 -5.72
CA GLU B 65 -2.19 14.69 -6.97
C GLU B 65 -3.70 14.57 -7.05
N ILE B 66 -4.27 13.52 -6.46
CA ILE B 66 -5.71 13.31 -6.52
C ILE B 66 -6.44 14.43 -5.79
N GLN B 67 -5.99 14.75 -4.58
CA GLN B 67 -6.68 15.74 -3.76
C GLN B 67 -6.45 17.18 -4.22
N SER B 68 -5.63 17.40 -5.24
CA SER B 68 -5.45 18.73 -5.80
C SER B 68 -6.51 19.08 -6.84
N HIS B 69 -7.21 18.08 -7.38
CA HIS B 69 -8.30 18.30 -8.32
C HIS B 69 -9.66 18.29 -7.62
N LEU B 70 -9.69 18.25 -6.30
CA LEU B 70 -10.92 18.15 -5.52
C LEU B 70 -11.06 19.39 -4.65
N ARG B 71 -12.23 20.03 -4.70
CA ARG B 71 -12.52 21.22 -3.90
C ARG B 71 -13.89 21.06 -3.26
N HIS B 72 -13.92 20.83 -1.96
CA HIS B 72 -15.17 20.65 -1.23
C HIS B 72 -15.01 21.19 0.19
N PRO B 73 -16.04 21.84 0.74
CA PRO B 73 -15.92 22.38 2.10
C PRO B 73 -15.74 21.32 3.17
N ASN B 74 -16.03 20.05 2.87
CA ASN B 74 -15.88 18.97 3.83
C ASN B 74 -14.71 18.06 3.52
N ILE B 75 -13.75 18.54 2.72
CA ILE B 75 -12.54 17.80 2.38
C ILE B 75 -11.35 18.70 2.69
N LEU B 76 -10.41 18.19 3.47
CA LEU B 76 -9.25 18.98 3.86
C LEU B 76 -8.40 19.31 2.65
N ARG B 77 -8.00 20.58 2.55
CA ARG B 77 -7.25 21.04 1.39
C ARG B 77 -5.77 20.68 1.53
N LEU B 78 -5.13 20.46 0.38
CA LEU B 78 -3.69 20.24 0.29
C LEU B 78 -3.13 21.30 -0.65
N TYR B 79 -2.42 22.27 -0.08
CA TYR B 79 -1.95 23.42 -0.84
C TYR B 79 -0.60 23.20 -1.52
N GLY B 80 0.13 22.17 -1.12
CA GLY B 80 1.42 21.91 -1.72
C GLY B 80 2.23 20.96 -0.87
N TYR B 81 3.43 20.65 -1.38
CA TYR B 81 4.32 19.72 -0.70
C TYR B 81 5.76 20.09 -1.03
N PHE B 82 6.67 19.62 -0.19
CA PHE B 82 8.10 19.71 -0.44
C PHE B 82 8.79 18.63 0.37
N HIS B 83 10.06 18.37 0.04
CA HIS B 83 10.79 17.26 0.61
C HIS B 83 12.25 17.65 0.81
N ASP B 84 12.96 16.79 1.54
CA ASP B 84 14.41 16.93 1.70
C ASP B 84 15.07 15.56 1.69
N ALA B 85 16.18 15.42 2.41
CA ALA B 85 16.95 14.18 2.35
C ALA B 85 16.22 13.02 3.03
N THR B 86 15.42 13.30 4.07
CA THR B 86 14.84 12.22 4.85
C THR B 86 13.37 12.39 5.20
N ARG B 87 12.73 13.51 4.86
CA ARG B 87 11.35 13.76 5.23
C ARG B 87 10.54 14.22 4.02
N VAL B 88 9.22 14.07 4.12
CA VAL B 88 8.27 14.58 3.15
C VAL B 88 7.30 15.49 3.87
N TYR B 89 7.15 16.71 3.37
CA TYR B 89 6.32 17.72 4.01
C TYR B 89 5.08 17.98 3.18
N LEU B 90 3.92 18.04 3.85
CA LEU B 90 2.65 18.33 3.19
C LEU B 90 2.02 19.54 3.88
N ILE B 91 1.71 20.56 3.09
CA ILE B 91 1.08 21.78 3.61
C ILE B 91 -0.42 21.58 3.58
N LEU B 92 -1.02 21.39 4.76
CA LEU B 92 -2.43 21.08 4.89
C LEU B 92 -3.18 22.26 5.50
N GLU B 93 -4.50 22.25 5.31
CA GLU B 93 -5.36 23.22 5.99
C GLU B 93 -5.47 22.86 7.47
N TYR B 94 -5.44 23.88 8.31
CA TYR B 94 -5.49 23.66 9.76
C TYR B 94 -6.92 23.35 10.20
N ALA B 95 -7.08 22.23 10.91
CA ALA B 95 -8.35 21.85 11.51
C ALA B 95 -8.26 22.11 13.01
N PRO B 96 -8.89 23.18 13.53
CA PRO B 96 -8.64 23.55 14.92
C PRO B 96 -9.25 22.60 15.93
N LEU B 97 -10.38 21.96 15.62
CA LEU B 97 -11.10 21.16 16.60
C LEU B 97 -10.71 19.69 16.58
N GLY B 98 -9.57 19.36 15.96
CA GLY B 98 -9.04 18.01 16.07
C GLY B 98 -9.78 16.99 15.21
N THR B 99 -9.81 15.75 15.69
CA THR B 99 -10.36 14.62 14.97
C THR B 99 -11.70 14.20 15.57
N VAL B 100 -12.46 13.45 14.76
CA VAL B 100 -13.68 12.83 15.27
C VAL B 100 -13.33 11.64 16.16
N TYR B 101 -12.24 10.94 15.84
CA TYR B 101 -11.82 9.80 16.66
C TYR B 101 -11.53 10.22 18.09
N ARG B 102 -10.71 11.26 18.27
CA ARG B 102 -10.40 11.74 19.60
C ARG B 102 -11.66 12.25 20.31
N GLU B 103 -12.51 12.98 19.59
CA GLU B 103 -13.76 13.45 20.18
C GLU B 103 -14.69 12.30 20.53
N LEU B 104 -14.66 11.22 19.76
CA LEU B 104 -15.48 10.05 20.09
C LEU B 104 -14.97 9.35 21.34
N GLN B 105 -13.66 9.38 21.58
CA GLN B 105 -13.11 8.75 22.79
C GLN B 105 -13.50 9.52 24.04
N LYS B 106 -13.71 10.83 23.93
CA LYS B 106 -14.00 11.63 25.12
C LYS B 106 -15.47 11.58 25.51
N LEU B 107 -16.37 11.41 24.54
CA LEU B 107 -17.80 11.41 24.80
C LEU B 107 -18.47 10.07 24.52
N SER B 108 -17.71 9.03 24.16
CA SER B 108 -18.21 7.69 23.90
C SER B 108 -19.13 7.64 22.68
N LYS B 109 -20.24 8.38 22.71
CA LYS B 109 -21.17 8.40 21.60
C LYS B 109 -21.68 9.82 21.37
N PHE B 110 -22.14 10.07 20.15
CA PHE B 110 -22.71 11.35 19.76
C PHE B 110 -24.23 11.26 19.73
N ASP B 111 -24.88 12.40 19.93
CA ASP B 111 -26.33 12.46 19.85
C ASP B 111 -26.78 12.30 18.39
N GLU B 112 -28.09 12.14 18.21
CA GLU B 112 -28.63 11.91 16.87
C GLU B 112 -28.50 13.14 15.98
N GLN B 113 -28.55 14.34 16.57
CA GLN B 113 -28.42 15.56 15.78
C GLN B 113 -27.01 15.70 15.23
N ARG B 114 -26.00 15.47 16.09
CA ARG B 114 -24.61 15.56 15.63
C ARG B 114 -24.26 14.41 14.69
N THR B 115 -24.81 13.22 14.95
CA THR B 115 -24.53 12.07 14.10
C THR B 115 -25.10 12.27 12.70
N ALA B 116 -26.36 12.69 12.61
CA ALA B 116 -26.98 12.91 11.31
C ALA B 116 -26.29 14.04 10.55
N THR B 117 -25.84 15.07 11.27
CA THR B 117 -25.11 16.16 10.62
C THR B 117 -23.78 15.67 10.05
N TYR B 118 -23.08 14.81 10.79
CA TYR B 118 -21.82 14.26 10.29
C TYR B 118 -22.04 13.42 9.04
N ILE B 119 -23.13 12.64 9.01
CA ILE B 119 -23.41 11.80 7.84
C ILE B 119 -23.73 12.65 6.62
N THR B 120 -24.47 13.75 6.81
CA THR B 120 -24.80 14.64 5.70
C THR B 120 -23.54 15.27 5.11
N GLU B 121 -22.65 15.77 5.96
CA GLU B 121 -21.40 16.34 5.48
C GLU B 121 -20.50 15.28 4.85
N LEU B 122 -20.54 14.05 5.37
CA LEU B 122 -19.76 12.98 4.78
C LEU B 122 -20.33 12.58 3.42
N ALA B 123 -21.66 12.40 3.35
CA ALA B 123 -22.28 12.00 2.10
C ALA B 123 -22.16 13.06 1.03
N ASN B 124 -22.17 14.34 1.42
CA ASN B 124 -22.00 15.42 0.45
C ASN B 124 -20.60 15.39 -0.16
N ALA B 125 -19.57 15.19 0.68
CA ALA B 125 -18.20 15.15 0.16
C ALA B 125 -17.98 13.90 -0.68
N LEU B 126 -18.59 12.78 -0.30
CA LEU B 126 -18.45 11.56 -1.10
C LEU B 126 -19.20 11.66 -2.42
N SER B 127 -20.33 12.36 -2.44
CA SER B 127 -21.05 12.58 -3.69
C SER B 127 -20.25 13.45 -4.65
N TYR B 128 -19.52 14.44 -4.12
CA TYR B 128 -18.62 15.22 -4.95
C TYR B 128 -17.44 14.38 -5.41
N CYS B 129 -16.96 13.48 -4.56
CA CYS B 129 -15.85 12.61 -4.94
C CYS B 129 -16.27 11.63 -6.04
N HIS B 130 -17.45 11.02 -5.89
CA HIS B 130 -17.93 10.09 -6.91
C HIS B 130 -18.20 10.79 -8.23
N SER B 131 -18.66 12.04 -8.17
CA SER B 131 -18.86 12.81 -9.40
C SER B 131 -17.54 13.10 -10.10
N LYS B 132 -16.46 13.27 -9.33
CA LYS B 132 -15.13 13.46 -9.88
C LYS B 132 -14.41 12.14 -10.12
N ARG B 133 -15.15 11.04 -10.22
CA ARG B 133 -14.65 9.69 -10.50
C ARG B 133 -13.72 9.16 -9.41
N VAL B 134 -13.68 9.81 -8.25
CA VAL B 134 -12.90 9.30 -7.13
C VAL B 134 -13.67 8.17 -6.45
N ILE B 135 -12.99 7.05 -6.21
CA ILE B 135 -13.65 5.84 -5.75
C ILE B 135 -13.65 5.74 -4.23
N HIS B 136 -12.55 5.26 -3.66
CA HIS B 136 -12.49 4.89 -2.25
C HIS B 136 -11.90 6.04 -1.44
N ARG B 137 -12.71 6.59 -0.53
CA ARG B 137 -12.27 7.60 0.42
C ARG B 137 -12.29 6.96 1.81
N ASP B 138 -11.11 6.77 2.39
CA ASP B 138 -10.98 6.19 3.72
C ASP B 138 -11.56 7.18 4.73
N ILE B 139 -12.76 6.88 5.23
CA ILE B 139 -13.44 7.78 6.15
C ILE B 139 -13.40 7.20 7.56
N LYS B 140 -12.23 6.76 7.99
CA LYS B 140 -12.05 6.37 9.38
C LYS B 140 -12.23 7.59 10.28
N PRO B 141 -12.66 7.40 11.53
CA PRO B 141 -12.74 8.53 12.46
C PRO B 141 -11.42 9.24 12.65
N GLU B 142 -10.30 8.54 12.49
CA GLU B 142 -8.98 9.19 12.59
C GLU B 142 -8.75 10.15 11.43
N ASN B 143 -9.37 9.89 10.28
CA ASN B 143 -9.21 10.72 9.09
C ASN B 143 -10.28 11.79 8.96
N LEU B 144 -11.17 11.91 9.92
CA LEU B 144 -12.24 12.91 9.90
C LEU B 144 -11.83 14.07 10.82
N LEU B 145 -11.51 15.20 10.22
CA LEU B 145 -11.10 16.39 10.97
C LEU B 145 -12.27 17.36 11.11
N LEU B 146 -12.20 18.20 12.13
CA LEU B 146 -13.26 19.14 12.46
C LEU B 146 -12.77 20.57 12.24
N GLY B 147 -13.55 21.35 11.50
CA GLY B 147 -13.22 22.73 11.24
C GLY B 147 -13.55 23.64 12.41
N SER B 148 -13.38 24.94 12.18
CA SER B 148 -13.62 25.91 13.24
C SER B 148 -15.08 25.94 13.66
N ALA B 149 -16.00 25.73 12.73
CA ALA B 149 -17.42 25.64 13.03
C ALA B 149 -17.89 24.22 13.30
N GLY B 150 -16.95 23.32 13.63
CA GLY B 150 -17.33 21.94 13.90
C GLY B 150 -17.65 21.10 12.69
N GLU B 151 -17.49 21.65 11.49
CA GLU B 151 -17.82 20.90 10.28
C GLU B 151 -16.79 19.80 10.04
N LEU B 152 -17.28 18.66 9.54
CA LEU B 152 -16.40 17.53 9.27
C LEU B 152 -15.55 17.80 8.02
N LYS B 153 -14.30 17.34 8.07
CA LYS B 153 -13.37 17.49 6.96
C LYS B 153 -12.62 16.19 6.76
N ILE B 154 -12.75 15.60 5.57
CA ILE B 154 -12.06 14.35 5.25
C ILE B 154 -10.60 14.65 4.95
N ALA B 155 -9.70 13.93 5.63
CA ALA B 155 -8.26 14.09 5.45
C ALA B 155 -7.66 12.71 5.24
N ASP B 156 -7.57 12.29 3.98
CA ASP B 156 -7.06 10.97 3.61
C ASP B 156 -5.61 11.12 3.17
N PHE B 157 -4.69 10.77 4.07
CA PHE B 157 -3.26 10.84 3.77
C PHE B 157 -2.54 9.59 4.24
N GLY B 173 -7.06 -1.61 12.51
CA GLY B 173 -7.19 -0.21 12.17
C GLY B 173 -8.34 0.05 11.21
N THR B 174 -8.04 0.01 9.91
CA THR B 174 -9.04 0.22 8.87
C THR B 174 -9.92 -1.01 8.66
N LEU B 175 -9.69 -2.09 9.40
CA LEU B 175 -10.42 -3.34 9.18
C LEU B 175 -11.92 -3.14 9.43
N ASP B 176 -12.27 -2.46 10.51
CA ASP B 176 -13.66 -2.37 10.95
C ASP B 176 -14.55 -1.52 10.04
N TYR B 177 -14.00 -0.89 9.01
CA TYR B 177 -14.77 0.04 8.20
C TYR B 177 -14.86 -0.35 6.73
N LEU B 178 -14.33 -1.51 6.34
CA LEU B 178 -14.38 -1.88 4.93
C LEU B 178 -15.42 -2.95 4.67
N PRO B 179 -16.10 -2.89 3.53
CA PRO B 179 -17.14 -3.89 3.22
C PRO B 179 -16.50 -5.24 2.90
N PRO B 180 -17.30 -6.31 2.84
CA PRO B 180 -16.71 -7.63 2.57
C PRO B 180 -16.03 -7.75 1.21
N GLU B 181 -16.41 -6.95 0.23
CA GLU B 181 -15.78 -7.04 -1.08
C GLU B 181 -14.35 -6.51 -1.08
N MET B 182 -13.99 -5.68 -0.08
CA MET B 182 -12.63 -5.16 0.00
C MET B 182 -11.72 -6.05 0.83
N ILE B 183 -12.21 -6.56 1.96
CA ILE B 183 -11.41 -7.43 2.81
C ILE B 183 -11.20 -8.81 2.21
N GLU B 184 -11.97 -9.18 1.18
CA GLU B 184 -11.82 -10.45 0.50
C GLU B 184 -11.06 -10.34 -0.82
N GLY B 185 -10.54 -9.15 -1.15
CA GLY B 185 -9.81 -8.99 -2.38
C GLY B 185 -10.66 -9.04 -3.63
N ARG B 186 -11.95 -8.73 -3.53
CA ARG B 186 -12.84 -8.75 -4.67
C ARG B 186 -12.95 -7.35 -5.27
N MET B 187 -13.66 -7.24 -6.39
CA MET B 187 -13.85 -5.95 -7.03
C MET B 187 -14.77 -5.07 -6.19
N HIS B 188 -14.61 -3.76 -6.35
CA HIS B 188 -15.42 -2.81 -5.61
C HIS B 188 -15.59 -1.54 -6.44
N ASP B 189 -16.55 -0.73 -6.03
CA ASP B 189 -16.90 0.50 -6.75
C ASP B 189 -17.27 1.56 -5.72
N GLU B 190 -18.04 2.55 -6.16
CA GLU B 190 -18.46 3.64 -5.28
C GLU B 190 -19.38 3.19 -4.15
N LYS B 191 -19.92 1.97 -4.22
CA LYS B 191 -20.77 1.47 -3.15
C LYS B 191 -19.99 1.15 -1.88
N VAL B 192 -18.67 1.25 -1.92
CA VAL B 192 -17.87 1.01 -0.71
C VAL B 192 -18.16 2.06 0.34
N ASP B 193 -18.25 3.33 -0.07
CA ASP B 193 -18.47 4.41 0.89
C ASP B 193 -19.82 4.28 1.59
N LEU B 194 -20.80 3.64 0.95
CA LEU B 194 -22.10 3.44 1.57
C LEU B 194 -21.99 2.51 2.77
N TRP B 195 -21.17 1.47 2.66
CA TRP B 195 -20.95 0.55 3.78
C TRP B 195 -20.23 1.26 4.92
N SER B 196 -19.20 2.05 4.61
CA SER B 196 -18.45 2.75 5.65
C SER B 196 -19.31 3.81 6.33
N LEU B 197 -20.26 4.40 5.61
CA LEU B 197 -21.18 5.35 6.24
C LEU B 197 -22.03 4.66 7.29
N GLY B 198 -22.51 3.44 6.99
CA GLY B 198 -23.28 2.71 7.98
C GLY B 198 -22.45 2.28 9.18
N VAL B 199 -21.18 1.96 8.96
CA VAL B 199 -20.29 1.65 10.08
C VAL B 199 -20.03 2.89 10.91
N LEU B 200 -19.82 4.03 10.25
CA LEU B 200 -19.62 5.28 10.99
C LEU B 200 -20.88 5.70 11.73
N CYS B 201 -22.04 5.61 11.07
CA CYS B 201 -23.29 5.97 11.71
C CYS B 201 -23.58 5.09 12.92
N TYR B 202 -23.19 3.82 12.87
CA TYR B 202 -23.33 2.94 14.02
C TYR B 202 -22.38 3.35 15.13
N GLU B 203 -21.12 3.62 14.80
CA GLU B 203 -20.13 3.96 15.82
C GLU B 203 -20.45 5.29 16.50
N PHE B 204 -21.01 6.25 15.75
CA PHE B 204 -21.32 7.55 16.33
C PHE B 204 -22.40 7.44 17.41
N LEU B 205 -23.41 6.61 17.19
CA LEU B 205 -24.52 6.48 18.12
C LEU B 205 -24.26 5.45 19.21
N VAL B 206 -23.63 4.32 18.88
CA VAL B 206 -23.40 3.26 19.85
C VAL B 206 -22.09 3.47 20.60
N GLY B 207 -21.01 3.78 19.90
CA GLY B 207 -19.71 3.99 20.52
C GLY B 207 -18.62 3.05 20.04
N LYS B 208 -18.96 2.02 19.28
CA LYS B 208 -17.99 1.06 18.76
C LYS B 208 -18.46 0.56 17.42
N PRO B 209 -17.56 0.10 16.56
CA PRO B 209 -17.98 -0.42 15.26
C PRO B 209 -18.84 -1.65 15.44
N PRO B 210 -19.81 -1.87 14.54
CA PRO B 210 -20.77 -2.96 14.75
C PRO B 210 -20.17 -4.36 14.66
N PHE B 211 -19.02 -4.52 14.00
CA PHE B 211 -18.42 -5.84 13.80
C PHE B 211 -17.20 -6.07 14.68
N GLU B 212 -16.98 -5.21 15.67
CA GLU B 212 -15.79 -5.32 16.51
C GLU B 212 -15.81 -6.60 17.33
N ALA B 213 -14.65 -7.25 17.40
CA ALA B 213 -14.48 -8.46 18.20
C ALA B 213 -13.05 -8.47 18.76
N ASN B 214 -12.71 -9.55 19.46
CA ASN B 214 -11.40 -9.65 20.09
C ASN B 214 -10.32 -10.12 19.14
N THR B 215 -10.68 -10.87 18.11
CA THR B 215 -9.72 -11.43 17.16
C THR B 215 -9.91 -10.83 15.78
N TYR B 216 -8.80 -10.70 15.06
CA TYR B 216 -8.87 -10.30 13.66
C TYR B 216 -9.67 -11.32 12.85
N GLN B 217 -9.51 -12.61 13.17
CA GLN B 217 -10.27 -13.64 12.49
C GLN B 217 -11.77 -13.50 12.80
N GLU B 218 -12.11 -13.18 14.04
CA GLU B 218 -13.51 -13.03 14.41
C GLU B 218 -14.14 -11.81 13.75
N THR B 219 -13.41 -10.68 13.75
CA THR B 219 -13.94 -9.48 13.12
C THR B 219 -14.03 -9.64 11.60
N TYR B 220 -13.11 -10.40 11.01
CA TYR B 220 -13.17 -10.67 9.57
C TYR B 220 -14.42 -11.46 9.22
N LYS B 221 -14.70 -12.52 9.98
CA LYS B 221 -15.87 -13.35 9.71
C LYS B 221 -17.17 -12.60 10.00
N ARG B 222 -17.18 -11.74 11.03
CA ARG B 222 -18.38 -10.98 11.35
C ARG B 222 -18.72 -9.99 10.24
N ILE B 223 -17.73 -9.47 9.53
CA ILE B 223 -18.00 -8.58 8.41
C ILE B 223 -18.58 -9.36 7.24
N SER B 224 -18.03 -10.53 6.94
CA SER B 224 -18.53 -11.33 5.83
C SER B 224 -19.95 -11.80 6.07
N ARG B 225 -20.29 -12.14 7.31
CA ARG B 225 -21.63 -12.58 7.66
C ARG B 225 -22.57 -11.44 8.01
N VAL B 226 -22.08 -10.20 8.02
CA VAL B 226 -22.84 -9.04 8.48
C VAL B 226 -23.40 -9.35 9.86
N GLU B 227 -22.54 -9.80 10.76
CA GLU B 227 -22.94 -10.23 12.10
C GLU B 227 -22.86 -9.04 13.03
N PHE B 228 -24.01 -8.36 13.24
CA PHE B 228 -24.08 -7.24 14.15
C PHE B 228 -25.50 -7.11 14.66
N THR B 229 -25.64 -6.51 15.84
CA THR B 229 -26.93 -6.30 16.47
C THR B 229 -27.08 -4.86 16.91
N PHE B 230 -28.32 -4.40 16.99
CA PHE B 230 -28.62 -3.03 17.39
C PHE B 230 -28.88 -2.97 18.89
N PRO B 231 -28.22 -2.08 19.62
CA PRO B 231 -28.59 -1.85 21.03
C PRO B 231 -29.99 -1.25 21.12
N ASP B 232 -30.53 -1.28 22.35
CA ASP B 232 -31.92 -0.91 22.55
C ASP B 232 -32.16 0.59 22.31
N PHE B 233 -31.20 1.43 22.70
CA PHE B 233 -31.41 2.88 22.62
C PHE B 233 -31.36 3.40 21.20
N VAL B 234 -30.91 2.61 20.22
CA VAL B 234 -30.86 3.07 18.84
C VAL B 234 -32.29 3.24 18.33
N THR B 235 -32.61 4.44 17.86
CA THR B 235 -33.96 4.75 17.43
C THR B 235 -34.33 3.98 16.17
N GLU B 236 -35.64 3.90 15.92
CA GLU B 236 -36.13 3.15 14.75
C GLU B 236 -35.66 3.78 13.45
N GLY B 237 -35.51 5.10 13.41
CA GLY B 237 -35.03 5.74 12.20
C GLY B 237 -33.56 5.46 11.94
N ALA B 238 -32.75 5.41 13.01
CA ALA B 238 -31.34 5.11 12.84
C ALA B 238 -31.13 3.65 12.45
N ARG B 239 -31.95 2.74 13.00
CA ARG B 239 -31.83 1.34 12.63
C ARG B 239 -32.16 1.12 11.16
N ASP B 240 -33.13 1.87 10.63
CA ASP B 240 -33.49 1.74 9.22
C ASP B 240 -32.36 2.20 8.32
N LEU B 241 -31.73 3.33 8.65
CA LEU B 241 -30.64 3.83 7.81
C LEU B 241 -29.44 2.90 7.84
N ILE B 242 -29.08 2.40 9.03
CA ILE B 242 -27.92 1.53 9.15
C ILE B 242 -28.19 0.20 8.46
N SER B 243 -29.40 -0.34 8.59
CA SER B 243 -29.72 -1.61 7.96
C SER B 243 -29.69 -1.52 6.44
N ARG B 244 -30.06 -0.37 5.88
CA ARG B 244 -30.00 -0.22 4.42
C ARG B 244 -28.57 -0.12 3.93
N LEU B 245 -27.67 0.43 4.74
CA LEU B 245 -26.28 0.61 4.31
C LEU B 245 -25.45 -0.67 4.52
N LEU B 246 -25.62 -1.33 5.67
CA LEU B 246 -24.84 -2.51 6.00
C LEU B 246 -25.46 -3.74 5.32
N LYS B 247 -25.28 -3.80 4.01
CA LYS B 247 -25.74 -4.91 3.19
C LYS B 247 -24.55 -5.56 2.48
N HIS B 248 -24.52 -6.89 2.47
CA HIS B 248 -23.42 -7.61 1.85
C HIS B 248 -23.32 -7.28 0.36
N ASN B 249 -24.42 -7.38 -0.35
CA ASN B 249 -24.44 -7.05 -1.77
C ASN B 249 -24.29 -5.55 -1.97
N PRO B 250 -23.25 -5.08 -2.66
CA PRO B 250 -23.13 -3.63 -2.88
C PRO B 250 -24.23 -3.06 -3.74
N SER B 251 -24.80 -3.84 -4.66
CA SER B 251 -25.86 -3.33 -5.51
C SER B 251 -27.14 -3.04 -4.75
N GLN B 252 -27.34 -3.67 -3.59
CA GLN B 252 -28.52 -3.43 -2.78
C GLN B 252 -28.38 -2.26 -1.83
N ARG B 253 -27.18 -1.71 -1.69
CA ARG B 253 -27.00 -0.53 -0.85
C ARG B 253 -27.57 0.69 -1.56
N PRO B 254 -28.02 1.70 -0.80
CA PRO B 254 -28.60 2.89 -1.44
C PRO B 254 -27.55 3.72 -2.16
N MET B 255 -27.99 4.80 -2.81
CA MET B 255 -27.08 5.79 -3.37
C MET B 255 -26.94 6.95 -2.40
N LEU B 256 -25.89 7.75 -2.61
CA LEU B 256 -25.54 8.77 -1.62
C LEU B 256 -26.65 9.80 -1.44
N ARG B 257 -27.33 10.17 -2.52
CA ARG B 257 -28.43 11.13 -2.40
C ARG B 257 -29.65 10.52 -1.73
N GLU B 258 -29.79 9.19 -1.77
CA GLU B 258 -30.83 8.53 -0.98
C GLU B 258 -30.56 8.65 0.51
N VAL B 259 -29.28 8.68 0.91
CA VAL B 259 -28.94 8.85 2.31
C VAL B 259 -29.27 10.27 2.76
N LEU B 260 -29.01 11.26 1.91
CA LEU B 260 -29.31 12.64 2.26
C LEU B 260 -30.81 12.92 2.28
N GLU B 261 -31.61 12.10 1.59
CA GLU B 261 -33.05 12.24 1.58
C GLU B 261 -33.74 11.34 2.60
N HIS B 262 -32.97 10.60 3.39
CA HIS B 262 -33.58 9.71 4.38
C HIS B 262 -34.31 10.52 5.44
N PRO B 263 -35.50 10.07 5.87
CA PRO B 263 -36.26 10.86 6.85
C PRO B 263 -35.52 11.08 8.16
N TRP B 264 -34.79 10.07 8.64
CA TRP B 264 -34.04 10.24 9.88
C TRP B 264 -32.90 11.25 9.72
N ILE B 265 -32.33 11.35 8.51
CA ILE B 265 -31.25 12.30 8.28
C ILE B 265 -31.80 13.72 8.21
N THR B 266 -32.81 13.95 7.37
CA THR B 266 -33.37 15.28 7.23
C THR B 266 -34.03 15.80 8.50
N ALA B 267 -34.43 14.90 9.41
CA ALA B 267 -35.06 15.32 10.64
C ALA B 267 -34.07 15.73 11.73
N ASN B 268 -32.83 15.22 11.67
CA ASN B 268 -31.84 15.48 12.70
C ASN B 268 -30.61 16.24 12.23
N SER B 269 -30.33 16.26 10.93
CA SER B 269 -29.15 16.94 10.43
C SER B 269 -29.40 18.45 10.38
N SER B 270 -28.36 19.20 10.01
CA SER B 270 -28.45 20.65 9.91
C SER B 270 -27.88 21.15 8.58
N SER C 5 22.12 19.66 1.99
CA SER C 5 21.25 19.16 0.93
C SER C 5 21.94 18.06 0.14
N VAL C 6 21.21 16.99 -0.14
CA VAL C 6 21.79 15.84 -0.87
C VAL C 6 22.02 16.22 -2.32
N PRO C 7 23.19 15.92 -2.91
CA PRO C 7 24.35 15.26 -2.26
C PRO C 7 25.06 16.15 -1.24
N THR C 8 25.14 15.67 0.00
CA THR C 8 25.70 16.47 1.09
C THR C 8 27.18 16.74 0.92
N LYS C 9 27.88 15.97 0.09
CA LYS C 9 29.30 16.14 -0.12
C LYS C 9 29.60 16.25 -1.61
N LEU C 10 30.74 16.85 -1.93
CA LEU C 10 31.19 17.01 -3.30
C LEU C 10 32.67 17.37 -3.28
N GLU C 11 33.41 16.85 -4.27
CA GLU C 11 34.85 17.10 -4.34
C GLU C 11 35.35 16.66 -5.70
N VAL C 12 36.51 17.20 -6.08
CA VAL C 12 37.22 16.82 -7.29
C VAL C 12 38.29 15.82 -6.90
N VAL C 13 38.20 14.60 -7.44
CA VAL C 13 39.08 13.52 -7.00
C VAL C 13 40.41 13.58 -7.73
N ALA C 14 40.40 13.41 -9.05
CA ALA C 14 41.63 13.21 -9.82
C ALA C 14 42.06 14.47 -10.57
N ALA C 15 41.17 15.02 -11.41
CA ALA C 15 41.46 16.18 -12.24
C ALA C 15 42.52 15.90 -13.29
N THR C 16 42.56 16.73 -14.34
CA THR C 16 43.42 16.54 -15.49
C THR C 16 43.46 17.85 -16.26
N PRO C 17 44.61 18.23 -16.89
CA PRO C 17 44.72 19.50 -17.62
C PRO C 17 43.47 19.93 -18.40
N THR C 18 42.71 18.98 -18.93
CA THR C 18 41.46 19.27 -19.62
C THR C 18 40.41 18.23 -19.29
N SER C 19 40.29 17.88 -18.01
CA SER C 19 39.30 16.90 -17.57
C SER C 19 39.17 16.98 -16.06
N LEU C 20 38.08 16.41 -15.55
CA LEU C 20 37.79 16.42 -14.13
C LEU C 20 37.16 15.09 -13.73
N LEU C 21 37.36 14.72 -12.47
CA LEU C 21 36.74 13.53 -11.87
C LEU C 21 36.13 13.94 -10.54
N ILE C 22 34.81 14.12 -10.53
CA ILE C 22 34.11 14.58 -9.35
C ILE C 22 33.48 13.39 -8.64
N SER C 23 33.18 13.58 -7.35
CA SER C 23 32.54 12.55 -6.54
C SER C 23 31.68 13.22 -5.48
N TRP C 24 30.66 12.48 -5.03
CA TRP C 24 29.74 12.99 -4.03
C TRP C 24 29.39 11.87 -3.05
N ASP C 25 28.80 12.25 -1.92
CA ASP C 25 28.41 11.29 -0.90
C ASP C 25 27.22 10.45 -1.35
N PRO C 27 23.73 9.11 0.58
CA PRO C 27 22.46 9.85 0.52
C PRO C 27 21.39 9.25 1.44
N ALA C 28 21.56 7.98 1.80
CA ALA C 28 20.63 7.24 2.66
C ALA C 28 19.21 7.21 2.09
N VAL C 29 19.08 7.41 0.77
CA VAL C 29 17.79 7.41 0.10
C VAL C 29 18.03 7.21 -1.40
N THR C 30 17.28 6.29 -2.00
CA THR C 30 17.46 6.02 -3.42
C THR C 30 17.08 7.24 -4.26
N VAL C 31 17.88 7.53 -5.27
CA VAL C 31 17.65 8.65 -6.16
C VAL C 31 17.56 8.13 -7.59
N VAL C 32 16.81 8.84 -8.43
CA VAL C 32 16.67 8.45 -9.83
C VAL C 32 17.98 8.69 -10.57
N HIS C 33 18.43 9.94 -10.59
CA HIS C 33 19.70 10.28 -11.22
C HIS C 33 20.16 11.63 -10.67
N TYR C 34 21.40 12.00 -11.02
CA TYR C 34 21.98 13.26 -10.63
C TYR C 34 22.12 14.15 -11.86
N VAL C 35 21.70 15.41 -11.73
CA VAL C 35 21.84 16.38 -12.81
C VAL C 35 23.12 17.15 -12.58
N ILE C 36 24.13 16.89 -13.40
CA ILE C 36 25.43 17.53 -13.29
C ILE C 36 25.51 18.65 -14.33
N THR C 37 25.80 19.85 -13.87
CA THR C 37 26.07 20.98 -14.75
C THR C 37 27.32 21.70 -14.28
N TYR C 38 28.08 22.22 -15.25
CA TYR C 38 29.37 22.82 -14.96
C TYR C 38 29.58 24.03 -15.84
N GLY C 39 30.08 25.11 -15.24
CA GLY C 39 30.35 26.33 -15.97
C GLY C 39 31.32 27.20 -15.22
N GLU C 40 31.92 28.15 -15.94
CA GLU C 40 32.89 29.04 -15.33
C GLU C 40 32.19 30.06 -14.45
N THR C 41 32.76 30.30 -13.27
CA THR C 41 32.15 31.22 -12.31
C THR C 41 32.11 32.63 -12.88
N GLY C 42 30.90 33.17 -13.03
CA GLY C 42 30.73 34.50 -13.56
C GLY C 42 30.69 34.55 -15.07
N ASN C 44 28.67 33.97 -17.71
CA ASN C 44 29.23 34.61 -18.90
C ASN C 44 29.09 33.71 -20.13
N SER C 45 28.56 32.51 -19.91
CA SER C 45 28.38 31.54 -20.99
C SER C 45 27.29 30.55 -20.57
N PRO C 46 26.57 29.96 -21.52
CA PRO C 46 25.55 28.96 -21.14
C PRO C 46 26.18 27.74 -20.49
N VAL C 47 25.57 27.30 -19.40
CA VAL C 47 26.11 26.19 -18.62
C VAL C 47 25.74 24.87 -19.30
N GLN C 48 26.73 24.01 -19.48
CA GLN C 48 26.50 22.69 -20.06
C GLN C 48 25.89 21.76 -19.02
N GLU C 49 25.01 20.87 -19.49
CA GLU C 49 24.25 19.99 -18.62
C GLU C 49 24.35 18.55 -19.11
N PHE C 50 24.36 17.62 -18.16
CA PHE C 50 24.29 16.19 -18.45
C PHE C 50 23.88 15.45 -17.18
N THR C 51 23.36 14.25 -17.37
CA THR C 51 22.84 13.45 -16.27
C THR C 51 23.69 12.22 -16.03
N VAL C 52 23.67 11.73 -14.79
CA VAL C 52 24.40 10.54 -14.37
C VAL C 52 23.44 9.66 -13.57
N PRO C 53 23.39 8.36 -13.83
CA PRO C 53 22.42 7.50 -13.13
C PRO C 53 22.57 7.57 -11.62
N GLY C 54 21.45 7.37 -10.92
CA GLY C 54 21.42 7.47 -9.47
C GLY C 54 22.18 6.38 -8.75
N SER C 55 22.59 5.32 -9.45
CA SER C 55 23.38 4.27 -8.84
C SER C 55 24.87 4.58 -8.81
N LYS C 56 25.31 5.66 -9.45
CA LYS C 56 26.71 6.04 -9.50
C LYS C 56 27.00 7.15 -8.50
N SER C 57 28.22 7.14 -7.97
CA SER C 57 28.66 8.12 -6.99
C SER C 57 29.75 9.05 -7.53
N THR C 58 29.99 9.04 -8.83
CA THR C 58 31.05 9.85 -9.42
C THR C 58 30.73 10.07 -10.89
N ALA C 59 31.41 11.06 -11.47
CA ALA C 59 31.22 11.41 -12.87
C ALA C 59 32.49 12.03 -13.41
N THR C 60 32.57 12.12 -14.73
CA THR C 60 33.73 12.68 -15.43
C THR C 60 33.28 13.87 -16.26
N ILE C 61 33.95 15.01 -16.05
CA ILE C 61 33.71 16.22 -16.83
C ILE C 61 34.99 16.53 -17.60
N SER C 62 34.89 16.52 -18.93
CA SER C 62 36.04 16.77 -19.80
C SER C 62 35.70 17.88 -20.77
N GLY C 63 36.69 18.27 -21.57
CA GLY C 63 36.51 19.32 -22.55
C GLY C 63 36.57 20.73 -22.00
N LEU C 64 37.21 20.91 -20.85
CA LEU C 64 37.27 22.23 -20.23
C LEU C 64 38.37 23.08 -20.87
N LYS C 65 38.90 24.04 -20.11
CA LYS C 65 39.94 24.92 -20.60
C LYS C 65 40.82 25.31 -19.42
N PRO C 66 42.15 25.29 -19.59
CA PRO C 66 43.04 25.61 -18.48
C PRO C 66 42.95 27.09 -18.10
N GLY C 67 43.28 27.36 -16.84
CA GLY C 67 43.25 28.72 -16.33
C GLY C 67 41.86 29.31 -16.19
N VAL C 68 40.85 28.46 -15.98
CA VAL C 68 39.47 28.90 -15.87
C VAL C 68 38.89 28.34 -14.58
N ASP C 69 38.30 29.22 -13.76
CA ASP C 69 37.67 28.81 -12.52
C ASP C 69 36.23 28.36 -12.82
N TYR C 70 35.98 27.06 -12.70
CA TYR C 70 34.67 26.51 -13.02
C TYR C 70 33.81 26.40 -11.77
N THR C 71 32.50 26.27 -11.99
CA THR C 71 31.53 26.08 -10.92
C THR C 71 30.72 24.84 -11.23
N ILE C 72 30.83 23.82 -10.38
CA ILE C 72 30.16 22.54 -10.58
C ILE C 72 29.04 22.43 -9.55
N THR C 73 27.80 22.44 -10.03
CA THR C 73 26.62 22.27 -9.18
C THR C 73 25.98 20.92 -9.48
N VAL C 74 25.61 20.22 -8.41
CA VAL C 74 25.01 18.89 -8.52
C VAL C 74 23.78 18.84 -7.63
N TYR C 75 22.69 18.30 -8.16
CA TYR C 75 21.49 18.06 -7.37
C TYR C 75 20.85 16.75 -7.80
N ALA C 76 20.44 15.95 -6.81
CA ALA C 76 19.79 14.68 -7.09
C ALA C 76 18.31 14.89 -7.36
N ILE C 77 17.66 13.85 -7.86
CA ILE C 77 16.25 13.89 -8.21
C ILE C 77 15.56 12.71 -7.55
N ASP C 78 14.60 13.01 -6.67
CA ASP C 78 13.76 11.96 -6.10
C ASP C 78 12.76 11.47 -7.14
N PHE C 79 12.46 10.17 -7.08
CA PHE C 79 11.56 9.59 -8.07
C PHE C 79 10.15 10.15 -7.95
N TYR C 80 9.69 10.41 -6.73
CA TYR C 80 8.32 10.86 -6.51
C TYR C 80 8.20 12.34 -6.22
N TRP C 81 9.19 12.95 -5.57
CA TRP C 81 9.06 14.29 -5.04
C TRP C 81 9.90 15.33 -5.77
N GLY C 82 10.60 14.94 -6.82
CA GLY C 82 11.33 15.91 -7.63
C GLY C 82 12.79 16.06 -7.22
N SER C 83 13.35 17.19 -7.64
CA SER C 83 14.76 17.46 -7.41
C SER C 83 15.01 18.05 -6.03
N TYR C 84 16.24 17.89 -5.55
CA TYR C 84 16.65 18.43 -4.27
C TYR C 84 17.32 19.79 -4.47
N SER C 85 17.82 20.35 -3.37
CA SER C 85 18.58 21.59 -3.47
C SER C 85 19.99 21.30 -3.97
N PRO C 86 20.52 22.13 -4.86
CA PRO C 86 21.85 21.88 -5.41
C PRO C 86 22.94 22.19 -4.40
N ILE C 87 24.15 21.70 -4.71
CA ILE C 87 25.34 21.98 -3.94
C ILE C 87 26.44 22.40 -4.91
N SER C 88 27.02 23.58 -4.68
CA SER C 88 28.00 24.17 -5.58
C SER C 88 29.41 23.86 -5.12
N ILE C 89 30.35 23.93 -6.06
CA ILE C 89 31.77 23.75 -5.78
C ILE C 89 32.56 24.50 -6.85
N ASN C 90 33.80 24.85 -6.52
CA ASN C 90 34.67 25.61 -7.41
C ASN C 90 35.96 24.84 -7.65
N TYR C 91 36.49 24.96 -8.87
CA TYR C 91 37.76 24.36 -9.22
C TYR C 91 38.35 25.14 -10.38
N ARG C 92 39.54 25.69 -10.17
CA ARG C 92 40.26 26.43 -11.20
C ARG C 92 41.17 25.45 -11.96
N THR C 93 41.00 25.40 -13.28
CA THR C 93 41.80 24.51 -14.12
C THR C 93 43.19 25.07 -14.32
N SER D 5 6.78 -21.32 24.60
CA SER D 5 5.32 -21.39 24.59
C SER D 5 4.71 -20.34 25.54
N VAL D 6 4.18 -19.27 24.96
CA VAL D 6 3.57 -18.20 25.74
C VAL D 6 2.17 -18.60 26.17
N THR D 8 4.71 -18.02 29.31
CA THR D 8 5.97 -18.69 29.64
C THR D 8 5.97 -19.20 31.08
N LYS D 9 5.73 -18.28 32.02
CA LYS D 9 5.74 -18.65 33.44
C LYS D 9 4.49 -19.46 33.76
N LEU D 10 4.69 -20.69 34.23
CA LEU D 10 3.59 -21.57 34.59
C LEU D 10 3.32 -21.52 36.09
N LEU D 20 -7.24 -20.53 43.85
CA LEU D 20 -6.05 -20.72 43.03
C LEU D 20 -5.72 -19.46 42.25
N LEU D 21 -4.63 -18.79 42.62
CA LEU D 21 -4.16 -17.58 41.98
C LEU D 21 -2.90 -17.93 41.19
N ILE D 22 -3.01 -17.93 39.86
CA ILE D 22 -1.91 -18.28 38.97
C ILE D 22 -1.55 -17.06 38.15
N SER D 23 -0.26 -16.74 38.10
CA SER D 23 0.26 -15.62 37.34
C SER D 23 1.10 -16.13 36.17
N TRP D 24 1.33 -15.24 35.21
CA TRP D 24 2.09 -15.59 34.02
C TRP D 24 3.25 -14.64 33.75
N ASP D 25 3.06 -13.34 33.93
CA ASP D 25 4.08 -12.32 33.65
C ASP D 25 4.58 -12.43 32.22
N ALA D 26 3.66 -12.67 31.29
CA ALA D 26 4.01 -12.83 29.89
C ALA D 26 4.22 -11.46 29.25
N PRO D 27 5.37 -11.19 28.66
CA PRO D 27 5.57 -9.88 27.99
C PRO D 27 4.71 -9.74 26.75
N ALA D 28 4.90 -10.65 25.79
CA ALA D 28 4.13 -10.65 24.54
C ALA D 28 4.20 -9.32 23.81
N THR D 30 1.51 -7.98 22.70
CA THR D 30 0.61 -8.14 23.83
C THR D 30 -0.33 -9.33 23.62
N VAL D 31 -1.26 -9.51 24.56
CA VAL D 31 -2.23 -10.59 24.51
C VAL D 31 -3.62 -9.97 24.66
N VAL D 32 -4.54 -10.34 23.77
CA VAL D 32 -5.91 -9.84 23.86
C VAL D 32 -6.59 -10.37 25.11
N HIS D 33 -6.59 -11.68 25.29
CA HIS D 33 -7.16 -12.26 26.50
C HIS D 33 -6.59 -13.66 26.70
N TYR D 34 -6.79 -14.19 27.89
CA TYR D 34 -6.31 -15.52 28.26
C TYR D 34 -7.52 -16.40 28.55
N VAL D 35 -7.70 -17.44 27.75
CA VAL D 35 -8.70 -18.46 28.06
C VAL D 35 -8.02 -19.58 28.83
N ILE D 36 -8.73 -20.14 29.80
CA ILE D 36 -8.17 -21.11 30.73
C ILE D 36 -9.05 -22.35 30.74
N THR D 37 -8.45 -23.51 30.51
CA THR D 37 -9.16 -24.78 30.54
C THR D 37 -9.20 -25.34 31.95
N GLU D 49 -14.19 -23.30 31.30
CA GLU D 49 -13.51 -22.33 30.44
C GLU D 49 -13.80 -20.91 30.90
N PHE D 50 -12.74 -20.16 31.19
CA PHE D 50 -12.83 -18.78 31.64
C PHE D 50 -12.09 -17.87 30.66
N THR D 51 -12.07 -16.58 30.97
CA THR D 51 -11.39 -15.60 30.13
C THR D 51 -11.03 -14.39 30.98
N VAL D 52 -9.74 -14.09 31.06
CA VAL D 52 -9.26 -12.94 31.83
C VAL D 52 -8.74 -11.89 30.85
N PRO D 53 -8.87 -10.60 31.16
CA PRO D 53 -8.39 -9.56 30.24
C PRO D 53 -6.87 -9.63 30.06
N GLY D 54 -6.42 -9.11 28.92
CA GLY D 54 -5.00 -9.13 28.59
C GLY D 54 -4.17 -8.17 29.42
N SER D 55 -4.79 -7.11 29.94
CA SER D 55 -4.07 -6.16 30.78
C SER D 55 -3.62 -6.77 32.11
N LYS D 56 -4.33 -7.79 32.60
CA LYS D 56 -3.96 -8.45 33.85
C LYS D 56 -2.95 -9.55 33.60
N SER D 57 -2.02 -9.72 34.53
CA SER D 57 -0.98 -10.74 34.44
C SER D 57 -1.26 -11.95 35.32
N THR D 58 -2.40 -11.99 36.00
CA THR D 58 -2.76 -13.10 36.88
C THR D 58 -4.16 -13.59 36.51
N ALA D 59 -4.50 -14.77 37.02
CA ALA D 59 -5.81 -15.38 36.79
C ALA D 59 -6.25 -16.06 38.06
N THR D 60 -7.37 -15.61 38.62
CA THR D 60 -7.92 -16.17 39.85
C THR D 60 -9.04 -17.15 39.48
N ILE D 61 -8.75 -18.44 39.65
CA ILE D 61 -9.72 -19.49 39.35
C ILE D 61 -10.48 -19.84 40.62
N SER D 62 -11.78 -20.10 40.48
CA SER D 62 -12.62 -20.44 41.62
C SER D 62 -13.42 -21.71 41.34
N THR D 73 -4.96 -25.80 31.30
CA THR D 73 -4.30 -25.35 30.08
C THR D 73 -4.71 -23.91 29.76
N VAL D 74 -3.71 -23.06 29.51
CA VAL D 74 -3.91 -21.64 29.23
C VAL D 74 -3.56 -21.38 27.77
N TYR D 75 -4.43 -20.66 27.07
CA TYR D 75 -4.19 -20.26 25.69
C TYR D 75 -4.09 -18.74 25.63
N ALA D 76 -2.92 -18.25 25.23
CA ALA D 76 -2.74 -16.82 25.02
C ALA D 76 -3.20 -16.46 23.61
N ILE D 77 -4.05 -15.44 23.52
CA ILE D 77 -4.71 -15.07 22.26
C ILE D 77 -4.12 -13.77 21.76
N ASP D 78 -3.54 -13.80 20.57
CA ASP D 78 -3.10 -12.61 19.88
C ASP D 78 -4.19 -12.12 18.93
N PHE D 79 -4.19 -10.81 18.67
CA PHE D 79 -5.26 -10.23 17.85
C PHE D 79 -5.15 -10.70 16.40
N TYR D 80 -3.98 -10.53 15.78
CA TYR D 80 -3.85 -10.79 14.35
C TYR D 80 -3.69 -12.29 14.07
N TRP D 81 -2.82 -12.96 14.81
CA TRP D 81 -2.40 -14.32 14.49
C TRP D 81 -3.03 -15.37 15.40
N GLY D 82 -3.97 -14.98 16.25
CA GLY D 82 -4.71 -15.96 17.02
C GLY D 82 -3.96 -16.49 18.23
N SER D 83 -4.28 -17.72 18.60
CA SER D 83 -3.78 -18.29 19.84
C SER D 83 -2.31 -18.66 19.73
N TYR D 84 -1.61 -18.53 20.86
CA TYR D 84 -0.24 -19.01 20.98
C TYR D 84 -0.25 -20.52 21.23
N SER D 85 0.93 -21.09 21.44
CA SER D 85 1.00 -22.50 21.78
C SER D 85 0.59 -22.71 23.24
N PRO D 86 -0.20 -23.74 23.52
CA PRO D 86 -0.66 -23.96 24.90
C PRO D 86 0.44 -24.48 25.81
N ILE D 87 0.10 -24.74 27.07
CA ILE D 87 1.05 -25.24 28.05
C ILE D 87 0.33 -26.06 29.12
N SER D 88 1.08 -26.93 29.80
CA SER D 88 0.51 -27.77 30.84
#